data_7NCZ
#
_entry.id   7NCZ
#
_cell.length_a   34.810
_cell.length_b   80.900
_cell.length_c   81.210
_cell.angle_alpha   90.000
_cell.angle_beta   90.000
_cell.angle_gamma   90.000
#
_symmetry.space_group_name_H-M   'P 21 21 21'
#
loop_
_entity.id
_entity.type
_entity.pdbx_description
1 polymer 'Alginate lyase (PL7)'
2 branched 'beta-D-mannopyranuronic acid-(1-4)-beta-D-mannopyranuronic acid-(1-4)-beta-D-mannopyranuronic acid-(1-4)-beta-D-mannopyranuronic acid-(1-4)-beta-D-mannopyranuronic acid-(1-4)-beta-D-mannopyranuronic acid-(1-4)-beta-D-mannopyranuronic acid'
3 non-polymer 2-[BIS-(2-HYDROXY-ETHYL)-AMINO]-2-HYDROXYMETHYL-PROPANE-1,3-DIOL
4 water water
#
_entity_poly.entity_id   1
_entity_poly.type   'polypeptide(L)'
_entity_poly.pdbx_seq_one_letter_code
;EFYTAPSTESKFTEVLSKAKLQYPTSTTVAFADDLLDGYAASYFYLTSDLYMQFQVAGSSQRSELREMETSGDEAAWDCT
GSTAHVASAQIAIPVQEDGIEEVTILQVHDSDVTPVLRISWVSSITIDGVTSEDVVLATIRNGIDDSTATKTVLQAHTTS
RTEFNINVQNSKLSITVDGTTELDEADISQFDGSTCYFKAGAFNNNPTDTSANARIKMYELEWVDHHHHHH
;
_entity_poly.pdbx_strand_id   A
#
# COMPACT_ATOMS: atom_id res chain seq x y z
N PHE A 2 -0.94 25.30 -7.03
CA PHE A 2 -0.27 25.14 -8.32
C PHE A 2 0.01 23.67 -8.61
N TYR A 3 -0.64 22.77 -7.86
CA TYR A 3 -0.49 21.34 -8.08
C TYR A 3 -1.58 20.80 -8.99
N THR A 4 -1.19 19.94 -9.91
CA THR A 4 -2.13 19.26 -10.80
C THR A 4 -2.74 18.05 -10.09
N ALA A 5 -4.04 17.85 -10.29
CA ALA A 5 -4.74 16.81 -9.56
C ALA A 5 -4.62 15.46 -10.26
N PRO A 6 -4.41 14.37 -9.50
CA PRO A 6 -4.49 13.03 -10.11
C PRO A 6 -5.78 12.74 -10.84
N SER A 7 -6.89 13.38 -10.43
CA SER A 7 -8.17 13.15 -11.09
C SER A 7 -8.18 13.63 -12.53
N THR A 8 -7.21 14.45 -12.95
CA THR A 8 -7.15 14.82 -14.35
C THR A 8 -6.78 13.66 -15.27
N GLU A 9 -6.31 12.54 -14.72
CA GLU A 9 -5.98 11.37 -15.52
C GLU A 9 -7.04 10.30 -15.36
N SER A 10 -7.66 9.90 -16.47
CA SER A 10 -8.76 8.94 -16.41
C SER A 10 -8.33 7.59 -15.85
N LYS A 11 -7.03 7.25 -15.96
CA LYS A 11 -6.54 6.00 -15.41
C LYS A 11 -6.72 5.93 -13.89
N PHE A 12 -6.94 7.06 -13.22
CA PHE A 12 -7.13 7.07 -11.79
C PHE A 12 -8.59 7.27 -11.37
N THR A 13 -9.49 7.56 -12.32
CA THR A 13 -10.87 7.88 -11.96
C THR A 13 -11.50 6.78 -11.12
N GLU A 14 -11.34 5.51 -11.53
CA GLU A 14 -12.04 4.45 -10.85
C GLU A 14 -11.51 4.24 -9.44
N VAL A 15 -10.18 4.20 -9.27
CA VAL A 15 -9.69 3.95 -7.92
C VAL A 15 -10.01 5.12 -7.01
N LEU A 16 -9.92 6.36 -7.52
CA LEU A 16 -10.28 7.50 -6.68
C LEU A 16 -11.76 7.47 -6.29
N SER A 17 -12.62 7.01 -7.20
CA SER A 17 -14.03 6.84 -6.86
C SER A 17 -14.21 5.82 -5.74
N LYS A 18 -13.26 4.90 -5.63
CA LYS A 18 -13.26 3.84 -4.64
C LYS A 18 -12.21 4.07 -3.56
N ALA A 19 -12.04 5.31 -3.12
CA ALA A 19 -10.99 5.61 -2.16
C ALA A 19 -11.38 6.85 -1.37
N LYS A 20 -10.75 6.99 -0.21
CA LYS A 20 -10.61 8.27 0.47
C LYS A 20 -9.13 8.43 0.78
N LEU A 21 -8.68 9.68 0.90
CA LEU A 21 -7.28 10.00 1.18
C LEU A 21 -7.09 10.40 2.63
N GLN A 22 -6.20 9.70 3.31
CA GLN A 22 -5.83 9.96 4.71
C GLN A 22 -4.48 10.67 4.76
N TYR A 23 -4.42 11.77 5.52
CA TYR A 23 -3.18 12.53 5.67
C TYR A 23 -3.35 13.49 6.84
N PRO A 24 -2.34 13.64 7.71
CA PRO A 24 -1.08 12.90 7.79
C PRO A 24 -1.21 11.74 8.76
N THR A 25 -2.39 11.62 9.36
CA THR A 25 -2.68 10.51 10.27
C THR A 25 -3.83 9.71 9.66
N SER A 26 -4.59 8.99 10.48
CA SER A 26 -5.72 8.21 9.95
C SER A 26 -6.99 9.04 9.73
N THR A 27 -6.91 10.35 9.75
CA THR A 27 -8.05 11.21 9.50
C THR A 27 -8.22 11.43 8.00
N THR A 28 -9.46 11.46 7.53
CA THR A 28 -9.73 11.68 6.11
C THR A 28 -9.56 13.16 5.76
N VAL A 29 -8.71 13.46 4.77
CA VAL A 29 -8.65 14.83 4.27
C VAL A 29 -9.47 14.99 3.00
N ALA A 30 -9.66 13.93 2.23
CA ALA A 30 -10.43 14.02 0.99
C ALA A 30 -11.18 12.73 0.74
N PHE A 31 -12.49 12.85 0.58
CA PHE A 31 -13.34 11.71 0.19
C PHE A 31 -13.31 11.56 -1.33
N ALA A 32 -13.94 10.49 -1.81
CA ALA A 32 -13.93 10.23 -3.24
C ALA A 32 -14.43 11.43 -4.03
N ASP A 33 -15.53 12.06 -3.62
CA ASP A 33 -16.03 13.17 -4.43
C ASP A 33 -15.07 14.35 -4.41
N ASP A 34 -14.39 14.59 -3.30
CA ASP A 34 -13.33 15.60 -3.26
C ASP A 34 -12.20 15.24 -4.22
N LEU A 35 -11.74 13.99 -4.17
CA LEU A 35 -10.64 13.54 -5.03
C LEU A 35 -11.00 13.73 -6.50
N LEU A 36 -12.23 13.41 -6.87
CA LEU A 36 -12.68 13.50 -8.25
C LEU A 36 -12.87 14.96 -8.70
N ASP A 37 -13.01 15.89 -7.75
CA ASP A 37 -13.16 17.32 -8.03
C ASP A 37 -11.81 18.04 -8.09
N GLY A 38 -10.72 17.32 -8.29
CA GLY A 38 -9.44 17.98 -8.49
C GLY A 38 -8.61 18.18 -7.24
N TYR A 39 -8.82 17.38 -6.20
CA TYR A 39 -8.02 17.53 -4.98
C TYR A 39 -6.55 17.35 -5.31
N ALA A 40 -5.72 18.30 -4.87
CA ALA A 40 -4.28 18.23 -5.05
C ALA A 40 -3.59 19.03 -3.95
N ALA A 41 -2.42 18.54 -3.54
CA ALA A 41 -1.66 19.16 -2.45
C ALA A 41 -0.23 18.66 -2.55
N SER A 42 0.66 19.24 -1.72
CA SER A 42 2.06 18.83 -1.79
C SER A 42 2.22 17.35 -1.50
N TYR A 43 1.33 16.79 -0.68
CA TYR A 43 1.39 15.39 -0.29
C TYR A 43 0.62 14.46 -1.22
N PHE A 44 -0.02 14.99 -2.27
CA PHE A 44 -0.84 14.18 -3.18
C PHE A 44 -1.05 14.98 -4.46
N TYR A 45 -0.24 14.74 -5.48
CA TYR A 45 -0.41 15.44 -6.75
C TYR A 45 0.08 14.60 -7.92
N LEU A 46 -0.23 15.10 -9.12
CA LEU A 46 0.15 14.46 -10.38
C LEU A 46 1.44 15.10 -10.91
N THR A 47 2.43 14.26 -11.20
CA THR A 47 3.71 14.75 -11.73
C THR A 47 3.61 14.99 -13.23
N SER A 48 4.63 15.65 -13.78
CA SER A 48 4.52 16.02 -15.19
C SER A 48 4.50 14.81 -16.10
N ASP A 49 5.08 13.67 -15.68
CA ASP A 49 5.05 12.43 -16.45
C ASP A 49 3.98 11.46 -15.96
N LEU A 50 2.98 11.98 -15.25
CA LEU A 50 1.67 11.35 -15.01
C LEU A 50 1.71 10.27 -13.94
N TYR A 51 2.57 10.47 -12.95
CA TYR A 51 2.54 9.68 -11.72
C TYR A 51 1.69 10.37 -10.67
N MET A 52 0.92 9.58 -9.91
CA MET A 52 0.26 10.02 -8.69
C MET A 52 1.28 9.92 -7.56
N GLN A 53 1.75 11.06 -7.05
CA GLN A 53 2.82 11.07 -6.05
C GLN A 53 2.29 11.38 -4.65
N PHE A 54 2.70 10.54 -3.69
CA PHE A 54 2.42 10.68 -2.28
C PHE A 54 3.70 11.08 -1.55
N GLN A 55 3.59 12.00 -0.59
CA GLN A 55 4.75 12.51 0.11
C GLN A 55 4.35 12.89 1.53
N VAL A 56 5.17 12.50 2.51
CA VAL A 56 4.85 12.78 3.91
C VAL A 56 6.11 12.69 4.75
N ALA A 57 6.17 13.52 5.80
CA ALA A 57 7.22 13.53 6.79
C ALA A 57 6.67 13.15 8.17
N GLY A 58 7.53 12.64 9.02
CA GLY A 58 7.14 12.39 10.40
C GLY A 58 6.93 10.90 10.67
N SER A 59 7.12 10.51 11.95
CA SER A 59 7.07 9.10 12.33
C SER A 59 5.65 8.58 12.29
N SER A 60 5.45 7.47 11.57
CA SER A 60 4.16 6.81 11.41
C SER A 60 3.11 7.73 10.80
N GLN A 61 3.52 8.77 10.10
CA GLN A 61 2.60 9.60 9.32
C GLN A 61 2.43 8.99 7.92
N ARG A 62 1.36 9.42 7.25
CA ARG A 62 0.94 8.79 6.00
C ARG A 62 0.30 9.80 5.06
N SER A 63 0.48 9.56 3.77
CA SER A 63 -0.40 10.05 2.72
C SER A 63 -0.84 8.80 1.97
N GLU A 64 -2.07 8.37 2.20
CA GLU A 64 -2.49 7.02 1.82
C GLU A 64 -3.93 7.01 1.35
N LEU A 65 -4.18 6.33 0.23
CA LEU A 65 -5.55 6.02 -0.17
C LEU A 65 -6.03 4.76 0.57
N ARG A 66 -7.27 4.79 1.01
CA ARG A 66 -7.91 3.70 1.73
C ARG A 66 -9.14 3.27 0.92
N GLU A 67 -9.23 1.97 0.64
CA GLU A 67 -10.28 1.44 -0.21
C GLU A 67 -11.70 1.71 0.33
N MET A 68 -12.57 2.19 -0.55
CA MET A 68 -13.95 2.50 -0.28
C MET A 68 -14.83 1.86 -1.34
N GLU A 69 -16.10 1.63 -0.99
CA GLU A 69 -17.09 1.28 -2.00
C GLU A 69 -17.66 2.55 -2.65
N THR A 70 -18.17 2.39 -3.89
CA THR A 70 -18.79 3.53 -4.58
C THR A 70 -20.02 4.03 -3.84
N SER A 71 -20.66 3.15 -3.06
CA SER A 71 -21.77 3.53 -2.21
C SER A 71 -21.39 4.53 -1.13
N GLY A 72 -20.10 4.72 -0.88
CA GLY A 72 -19.63 5.48 0.26
C GLY A 72 -19.36 4.65 1.49
N ASP A 73 -19.78 3.39 1.51
CA ASP A 73 -19.41 2.47 2.59
C ASP A 73 -17.90 2.26 2.57
N GLU A 74 -17.31 2.09 3.75
CA GLU A 74 -15.94 1.61 3.78
C GLU A 74 -15.89 0.18 3.21
N ALA A 75 -14.82 -0.11 2.47
CA ALA A 75 -14.56 -1.50 2.14
C ALA A 75 -14.34 -2.30 3.42
N ALA A 76 -14.95 -3.48 3.46
CA ALA A 76 -14.91 -4.37 4.61
C ALA A 76 -15.23 -5.78 4.12
N TRP A 77 -14.42 -6.31 3.22
CA TRP A 77 -14.67 -7.63 2.67
C TRP A 77 -14.13 -8.71 3.59
N ASP A 78 -14.76 -9.88 3.56
CA ASP A 78 -14.28 -11.00 4.35
C ASP A 78 -12.83 -11.30 4.04
N CYS A 79 -11.95 -11.17 5.05
CA CYS A 79 -10.51 -11.30 4.78
C CYS A 79 -10.16 -12.62 4.12
N THR A 80 -10.87 -13.70 4.49
CA THR A 80 -10.56 -15.04 4.00
C THR A 80 -11.73 -15.65 3.23
N GLY A 81 -12.60 -14.82 2.67
CA GLY A 81 -13.76 -15.32 1.96
C GLY A 81 -13.43 -15.87 0.58
N SER A 82 -14.49 -16.31 -0.09
CA SER A 82 -14.36 -16.98 -1.39
C SER A 82 -14.15 -16.01 -2.54
N THR A 83 -14.63 -14.78 -2.41
CA THR A 83 -14.42 -13.76 -3.43
C THR A 83 -12.96 -13.35 -3.44
N ALA A 84 -12.35 -13.30 -4.62
CA ALA A 84 -10.98 -12.83 -4.74
C ALA A 84 -10.96 -11.31 -4.67
N HIS A 85 -9.98 -10.78 -3.95
CA HIS A 85 -9.73 -9.36 -3.94
C HIS A 85 -8.31 -9.14 -4.44
N VAL A 86 -8.17 -8.23 -5.39
CA VAL A 86 -6.92 -8.05 -6.11
C VAL A 86 -6.61 -6.55 -6.11
N ALA A 87 -5.40 -6.21 -5.71
CA ALA A 87 -4.88 -4.86 -5.86
C ALA A 87 -3.68 -4.91 -6.80
N SER A 88 -3.67 -4.02 -7.77
CA SER A 88 -2.57 -3.95 -8.71
C SER A 88 -2.07 -2.52 -8.80
N ALA A 89 -0.76 -2.38 -8.83
CA ALA A 89 -0.16 -1.05 -8.87
C ALA A 89 1.14 -1.12 -9.67
N GLN A 90 1.42 -0.04 -10.39
CA GLN A 90 2.73 0.18 -11.00
C GLN A 90 3.36 1.31 -10.20
N ILE A 91 4.44 1.00 -9.50
CA ILE A 91 5.03 1.89 -8.50
C ILE A 91 6.49 2.13 -8.85
N ALA A 92 6.87 3.39 -8.84
CA ALA A 92 8.26 3.79 -8.90
C ALA A 92 8.64 4.30 -7.51
N ILE A 93 9.59 3.64 -6.87
CA ILE A 93 10.08 3.97 -5.54
C ILE A 93 11.38 4.76 -5.73
N PRO A 94 11.36 6.08 -5.63
CA PRO A 94 12.62 6.83 -5.78
C PRO A 94 13.60 6.49 -4.67
N VAL A 95 14.86 6.87 -4.87
CA VAL A 95 15.79 6.84 -3.77
C VAL A 95 15.27 7.74 -2.66
N GLN A 96 15.15 7.18 -1.46
CA GLN A 96 14.52 7.96 -0.40
C GLN A 96 15.50 8.95 0.24
N GLU A 97 14.92 10.04 0.77
CA GLU A 97 15.69 11.10 1.43
C GLU A 97 16.43 10.54 2.63
N ASP A 98 17.54 11.20 3.00
CA ASP A 98 18.29 10.77 4.17
C ASP A 98 17.40 10.80 5.41
N GLY A 99 17.49 9.76 6.21
CA GLY A 99 16.72 9.65 7.41
C GLY A 99 15.42 8.89 7.24
N ILE A 100 15.07 8.52 6.02
CA ILE A 100 13.91 7.67 5.75
C ILE A 100 14.41 6.23 5.72
N GLU A 101 13.83 5.38 6.56
CA GLU A 101 14.34 4.02 6.75
C GLU A 101 13.37 2.92 6.29
N GLU A 102 12.08 3.22 6.21
CA GLU A 102 11.09 2.25 5.72
C GLU A 102 9.84 3.01 5.30
N VAL A 103 9.29 2.67 4.13
CA VAL A 103 8.05 3.27 3.64
C VAL A 103 7.13 2.17 3.15
N THR A 104 5.96 2.07 3.78
CA THR A 104 4.93 1.14 3.36
C THR A 104 4.17 1.73 2.17
N ILE A 105 4.03 0.92 1.11
CA ILE A 105 3.47 1.39 -0.14
C ILE A 105 2.13 0.73 -0.49
N LEU A 106 1.88 -0.48 -0.01
CA LEU A 106 0.60 -1.15 -0.21
C LEU A 106 0.33 -1.93 1.06
N GLN A 107 -0.95 -2.03 1.41
CA GLN A 107 -1.37 -2.81 2.56
C GLN A 107 -2.68 -3.54 2.29
N VAL A 108 -2.85 -4.66 3.00
CA VAL A 108 -4.14 -5.25 3.32
C VAL A 108 -4.31 -5.05 4.82
N HIS A 109 -5.38 -4.35 5.22
CA HIS A 109 -5.58 -3.99 6.62
C HIS A 109 -6.91 -4.55 7.10
N ASP A 110 -6.95 -5.03 8.35
CA ASP A 110 -8.26 -5.43 8.88
C ASP A 110 -9.04 -4.19 9.31
N SER A 111 -10.28 -4.41 9.71
CA SER A 111 -11.15 -3.30 10.04
C SER A 111 -10.98 -2.80 11.47
N ASP A 112 -9.90 -3.18 12.14
CA ASP A 112 -9.59 -2.62 13.45
C ASP A 112 -8.17 -2.08 13.44
N VAL A 113 -7.22 -2.74 14.10
CA VAL A 113 -5.90 -2.12 14.27
C VAL A 113 -4.76 -3.03 13.83
N THR A 114 -5.01 -3.97 12.92
CA THR A 114 -3.96 -4.90 12.52
C THR A 114 -3.77 -4.91 11.01
N PRO A 115 -2.57 -4.60 10.51
CA PRO A 115 -2.28 -4.82 9.09
C PRO A 115 -2.03 -6.29 8.83
N VAL A 116 -2.83 -6.87 7.94
CA VAL A 116 -2.60 -8.24 7.46
C VAL A 116 -1.26 -8.30 6.74
N LEU A 117 -1.09 -7.41 5.76
CA LEU A 117 0.08 -7.33 4.89
C LEU A 117 0.54 -5.89 4.77
N ARG A 118 1.85 -5.67 4.90
CA ARG A 118 2.48 -4.45 4.42
C ARG A 118 3.50 -4.85 3.37
N ILE A 119 3.51 -4.14 2.25
CA ILE A 119 4.63 -4.15 1.32
C ILE A 119 5.36 -2.84 1.54
N SER A 120 6.65 -2.92 1.83
CA SER A 120 7.39 -1.71 2.19
C SER A 120 8.79 -1.78 1.61
N TRP A 121 9.32 -0.60 1.30
CA TRP A 121 10.75 -0.44 1.06
C TRP A 121 11.45 -0.33 2.41
N VAL A 122 12.62 -0.99 2.56
CA VAL A 122 13.40 -0.91 3.79
C VAL A 122 14.87 -0.64 3.46
N SER A 123 15.49 0.21 4.26
N SER A 123 15.49 0.22 4.27
CA SER A 123 16.93 0.43 4.07
CA SER A 123 16.93 0.42 4.14
C SER A 123 17.72 -0.82 4.43
C SER A 123 17.70 -0.86 4.46
N SER A 124 17.29 -1.55 5.46
N SER A 124 17.30 -1.56 5.51
CA SER A 124 17.87 -2.86 5.75
CA SER A 124 17.91 -2.84 5.85
C SER A 124 16.86 -3.69 6.51
C SER A 124 16.91 -3.70 6.61
N ILE A 125 17.03 -5.01 6.45
CA ILE A 125 16.23 -5.95 7.22
C ILE A 125 17.05 -7.20 7.45
N THR A 126 16.88 -7.82 8.62
CA THR A 126 17.53 -9.10 8.92
C THR A 126 16.45 -10.14 9.19
N ILE A 127 16.48 -11.24 8.42
CA ILE A 127 15.49 -12.31 8.46
C ILE A 127 16.24 -13.63 8.58
N ASP A 128 15.98 -14.37 9.66
CA ASP A 128 16.63 -15.66 9.89
C ASP A 128 18.15 -15.54 9.73
N GLY A 129 18.70 -14.50 10.35
CA GLY A 129 20.14 -14.25 10.31
C GLY A 129 20.70 -13.67 9.03
N VAL A 130 19.86 -13.36 8.04
CA VAL A 130 20.33 -12.87 6.74
C VAL A 130 19.95 -11.41 6.62
N THR A 131 20.94 -10.55 6.41
CA THR A 131 20.69 -9.13 6.27
C THR A 131 20.65 -8.76 4.79
N SER A 132 19.59 -8.07 4.40
CA SER A 132 19.40 -7.53 3.06
C SER A 132 19.29 -6.01 3.17
N GLU A 133 19.87 -5.29 2.22
CA GLU A 133 19.83 -3.84 2.25
C GLU A 133 19.18 -3.35 0.98
N ASP A 134 18.37 -2.32 1.14
CA ASP A 134 17.75 -1.63 0.01
C ASP A 134 16.85 -2.57 -0.79
N VAL A 135 15.82 -3.11 -0.12
CA VAL A 135 14.93 -4.10 -0.71
C VAL A 135 13.47 -3.74 -0.45
N VAL A 136 12.59 -4.40 -1.19
CA VAL A 136 11.16 -4.32 -0.99
C VAL A 136 10.73 -5.60 -0.29
N LEU A 137 9.92 -5.45 0.76
CA LEU A 137 9.64 -6.46 1.76
C LEU A 137 8.15 -6.69 1.90
N ALA A 138 7.73 -7.95 2.11
CA ALA A 138 6.39 -8.28 2.57
C ALA A 138 6.41 -8.65 4.04
N THR A 139 5.50 -8.07 4.80
CA THR A 139 5.34 -8.35 6.23
C THR A 139 3.91 -8.82 6.49
N ILE A 140 3.75 -10.07 6.95
CA ILE A 140 2.43 -10.62 7.26
C ILE A 140 2.34 -10.92 8.75
N ARG A 141 1.42 -10.24 9.43
CA ARG A 141 1.29 -10.39 10.88
C ARG A 141 0.77 -11.78 11.23
N ASN A 142 1.31 -12.32 12.31
CA ASN A 142 1.00 -13.70 12.68
C ASN A 142 -0.35 -13.82 13.35
N GLY A 143 -0.90 -12.72 13.86
CA GLY A 143 -2.28 -12.71 14.34
C GLY A 143 -2.58 -11.35 14.96
N ILE A 144 -3.84 -11.17 15.34
CA ILE A 144 -4.23 -9.92 15.99
C ILE A 144 -3.54 -9.79 17.34
N ASP A 145 -3.39 -10.90 18.06
CA ASP A 145 -2.84 -10.90 19.41
C ASP A 145 -1.37 -11.27 19.48
N ASP A 146 -0.72 -11.38 18.33
CA ASP A 146 0.71 -11.66 18.21
C ASP A 146 1.32 -10.51 17.42
N SER A 147 2.16 -9.69 18.08
CA SER A 147 2.76 -8.53 17.41
C SER A 147 3.80 -8.91 16.36
N THR A 148 4.25 -10.15 16.34
CA THR A 148 5.31 -10.55 15.41
C THR A 148 4.73 -10.85 14.04
N ALA A 149 5.61 -10.98 13.06
CA ALA A 149 5.24 -11.14 11.67
C ALA A 149 6.25 -12.00 10.94
N THR A 150 5.78 -12.61 9.86
CA THR A 150 6.63 -13.28 8.90
C THR A 150 7.01 -12.28 7.81
N LYS A 151 8.30 -12.21 7.50
CA LYS A 151 8.86 -11.24 6.57
C LYS A 151 9.53 -11.97 5.42
N THR A 152 9.31 -11.45 4.21
CA THR A 152 9.76 -12.07 2.96
C THR A 152 10.30 -10.97 2.06
N VAL A 153 11.58 -11.05 1.67
CA VAL A 153 12.12 -10.13 0.69
C VAL A 153 11.54 -10.44 -0.68
N LEU A 154 10.97 -9.42 -1.33
CA LEU A 154 10.28 -9.56 -2.61
C LEU A 154 11.15 -9.16 -3.79
N GLN A 155 12.01 -8.16 -3.63
CA GLN A 155 12.65 -7.49 -4.76
C GLN A 155 13.81 -6.65 -4.25
N ALA A 156 14.91 -6.65 -4.99
CA ALA A 156 15.91 -5.61 -4.80
C ALA A 156 15.32 -4.27 -5.25
N HIS A 157 15.54 -3.21 -4.47
CA HIS A 157 15.00 -1.90 -4.86
C HIS A 157 15.60 -1.44 -6.18
N THR A 158 14.72 -1.02 -7.08
CA THR A 158 15.08 -0.26 -8.28
C THR A 158 14.24 1.01 -8.35
N THR A 159 14.75 2.00 -9.05
CA THR A 159 13.92 3.17 -9.27
C THR A 159 12.96 2.97 -10.43
N SER A 160 13.09 1.86 -11.16
CA SER A 160 12.21 1.60 -12.29
C SER A 160 10.78 1.34 -11.85
N ARG A 161 9.85 1.77 -12.69
CA ARG A 161 8.46 1.42 -12.51
C ARG A 161 8.29 -0.09 -12.42
N THR A 162 7.68 -0.56 -11.32
CA THR A 162 7.56 -1.97 -11.01
C THR A 162 6.09 -2.33 -10.80
N GLU A 163 5.64 -3.45 -11.37
CA GLU A 163 4.26 -3.90 -11.18
C GLU A 163 4.15 -4.79 -9.94
N PHE A 164 3.27 -4.41 -9.02
CA PHE A 164 2.95 -5.19 -7.83
C PHE A 164 1.49 -5.66 -7.92
N ASN A 165 1.24 -6.92 -7.57
N ASN A 165 1.25 -6.94 -7.64
CA ASN A 165 -0.11 -7.48 -7.59
CA ASN A 165 -0.10 -7.46 -7.56
C ASN A 165 -0.31 -8.28 -6.31
C ASN A 165 -0.24 -8.20 -6.23
N ILE A 166 -1.34 -7.95 -5.55
CA ILE A 166 -1.73 -8.67 -4.33
C ILE A 166 -3.03 -9.38 -4.64
N ASN A 167 -3.05 -10.71 -4.46
CA ASN A 167 -4.25 -11.52 -4.70
C ASN A 167 -4.62 -12.23 -3.42
N VAL A 168 -5.83 -11.98 -2.94
CA VAL A 168 -6.33 -12.48 -1.66
C VAL A 168 -7.58 -13.30 -1.95
N GLN A 169 -7.55 -14.59 -1.63
CA GLN A 169 -8.73 -15.42 -1.86
C GLN A 169 -8.63 -16.66 -0.99
N ASN A 170 -9.73 -17.04 -0.34
N ASN A 170 -9.79 -17.07 -0.48
CA ASN A 170 -9.82 -18.31 0.39
CA ASN A 170 -9.86 -18.07 0.57
C ASN A 170 -8.64 -18.54 1.33
C ASN A 170 -8.85 -17.60 1.62
N SER A 171 -8.39 -17.58 2.21
N SER A 171 -8.23 -18.50 2.36
CA SER A 171 -7.47 -17.69 3.34
CA SER A 171 -7.35 -18.05 3.42
C SER A 171 -6.01 -17.76 2.94
C SER A 171 -5.91 -17.86 2.95
N LYS A 172 -5.69 -17.48 1.68
CA LYS A 172 -4.33 -17.42 1.14
C LYS A 172 -4.11 -16.06 0.49
N LEU A 173 -2.86 -15.59 0.53
CA LEU A 173 -2.47 -14.31 -0.06
C LEU A 173 -1.21 -14.52 -0.91
N SER A 174 -1.22 -13.99 -2.13
CA SER A 174 -0.09 -14.10 -3.05
C SER A 174 0.31 -12.72 -3.52
N ILE A 175 1.61 -12.56 -3.80
CA ILE A 175 2.18 -11.33 -4.31
C ILE A 175 3.03 -11.66 -5.53
N THR A 176 2.78 -10.96 -6.63
CA THR A 176 3.62 -11.01 -7.81
C THR A 176 4.29 -9.67 -8.00
N VAL A 177 5.54 -9.72 -8.47
CA VAL A 177 6.32 -8.53 -8.73
C VAL A 177 6.88 -8.69 -10.14
N ASP A 178 6.51 -7.79 -11.04
CA ASP A 178 6.93 -7.86 -12.43
C ASP A 178 6.71 -9.27 -12.99
N GLY A 179 5.53 -9.81 -12.71
CA GLY A 179 5.08 -11.06 -13.31
C GLY A 179 5.51 -12.31 -12.58
N THR A 180 6.41 -12.20 -11.60
CA THR A 180 6.96 -13.34 -10.90
C THR A 180 6.32 -13.46 -9.53
N THR A 181 5.85 -14.65 -9.17
CA THR A 181 5.33 -14.87 -7.83
C THR A 181 6.48 -14.83 -6.83
N GLU A 182 6.38 -13.91 -5.87
CA GLU A 182 7.41 -13.72 -4.86
C GLU A 182 6.94 -14.12 -3.48
N LEU A 183 5.63 -14.25 -3.30
CA LEU A 183 5.02 -14.82 -2.09
C LEU A 183 3.85 -15.65 -2.60
N ASP A 184 3.94 -16.98 -2.46
CA ASP A 184 3.01 -17.92 -3.08
C ASP A 184 2.05 -18.50 -2.03
N GLU A 185 0.83 -17.97 -1.98
CA GLU A 185 -0.24 -18.54 -1.14
C GLU A 185 0.18 -18.61 0.32
N ALA A 186 0.63 -17.49 0.85
CA ALA A 186 0.85 -17.38 2.29
C ALA A 186 -0.46 -17.52 3.03
N ASP A 187 -0.42 -18.25 4.14
CA ASP A 187 -1.61 -18.45 4.94
C ASP A 187 -1.98 -17.20 5.74
N ILE A 188 -3.26 -16.81 5.66
CA ILE A 188 -3.76 -15.68 6.44
C ILE A 188 -5.01 -16.11 7.21
N SER A 189 -5.11 -17.41 7.54
CA SER A 189 -6.27 -17.88 8.28
C SER A 189 -6.37 -17.24 9.67
N GLN A 190 -5.28 -16.67 10.19
CA GLN A 190 -5.37 -15.94 11.46
C GLN A 190 -6.31 -14.74 11.38
N PHE A 191 -6.77 -14.37 10.17
CA PHE A 191 -7.75 -13.31 9.99
C PHE A 191 -9.12 -13.86 9.60
N ASP A 192 -9.35 -15.17 9.77
CA ASP A 192 -10.71 -15.68 9.63
C ASP A 192 -11.63 -14.86 10.55
N GLY A 193 -12.77 -14.44 10.03
CA GLY A 193 -13.65 -13.67 10.90
C GLY A 193 -13.30 -12.19 11.07
N SER A 194 -12.24 -11.72 10.42
CA SER A 194 -11.97 -10.30 10.28
C SER A 194 -12.51 -9.83 8.92
N THR A 195 -12.69 -8.52 8.80
CA THR A 195 -12.94 -7.91 7.49
C THR A 195 -11.75 -7.04 7.15
N CYS A 196 -11.60 -6.75 5.86
CA CYS A 196 -10.35 -6.25 5.32
C CYS A 196 -10.57 -5.17 4.27
N TYR A 197 -9.50 -4.44 3.97
CA TYR A 197 -9.49 -3.45 2.90
C TYR A 197 -8.06 -3.23 2.46
N PHE A 198 -7.92 -2.66 1.28
CA PHE A 198 -6.61 -2.28 0.75
C PHE A 198 -6.26 -0.83 1.09
N LYS A 199 -4.96 -0.56 1.14
CA LYS A 199 -4.44 0.80 1.19
C LYS A 199 -3.25 0.91 0.25
N ALA A 200 -2.97 2.14 -0.17
CA ALA A 200 -1.84 2.40 -1.05
C ALA A 200 -1.38 3.84 -0.89
N GLY A 201 -0.07 4.03 -0.87
CA GLY A 201 0.49 5.36 -0.83
C GLY A 201 1.88 5.37 -0.24
N ALA A 202 2.08 6.28 0.71
CA ALA A 202 3.33 6.38 1.46
C ALA A 202 3.01 6.45 2.96
N PHE A 203 3.46 5.45 3.71
CA PHE A 203 3.28 5.34 5.16
C PHE A 203 4.68 5.21 5.75
N ASN A 204 5.11 6.23 6.49
CA ASN A 204 6.51 6.43 6.87
C ASN A 204 6.81 5.75 8.20
N ASN A 205 7.62 4.70 8.18
CA ASN A 205 7.83 3.85 9.35
C ASN A 205 9.21 4.09 9.96
N ASN A 206 9.24 4.49 11.22
CA ASN A 206 10.47 4.60 12.00
C ASN A 206 11.59 5.40 11.31
N PRO A 207 11.31 6.61 10.84
CA PRO A 207 12.41 7.43 10.31
C PRO A 207 13.40 7.78 11.42
N THR A 208 14.64 8.02 11.01
CA THR A 208 15.62 8.59 11.92
C THR A 208 15.72 10.11 11.81
N ASP A 209 15.15 10.71 10.76
CA ASP A 209 14.96 12.16 10.66
C ASP A 209 13.47 12.40 10.50
N THR A 210 12.82 12.91 11.56
CA THR A 210 11.38 13.07 11.53
C THR A 210 10.93 14.22 10.66
N SER A 211 11.84 15.04 10.13
CA SER A 211 11.42 16.08 9.19
C SER A 211 11.68 15.70 7.73
N ALA A 212 12.30 14.55 7.47
CA ALA A 212 12.51 14.11 6.10
C ALA A 212 11.21 13.63 5.47
N ASN A 213 11.09 13.79 4.15
CA ASN A 213 9.91 13.39 3.39
C ASN A 213 10.11 12.01 2.77
N ALA A 214 9.20 11.08 3.08
CA ALA A 214 9.05 9.87 2.28
C ALA A 214 8.25 10.22 1.01
N ARG A 215 8.56 9.54 -0.09
CA ARG A 215 7.97 9.88 -1.38
C ARG A 215 7.83 8.63 -2.24
N ILE A 216 6.63 8.41 -2.77
CA ILE A 216 6.28 7.20 -3.52
C ILE A 216 5.39 7.60 -4.69
N LYS A 217 5.64 7.03 -5.87
CA LYS A 217 4.94 7.40 -7.10
C LYS A 217 4.23 6.21 -7.71
N MET A 218 2.95 6.40 -8.04
N MET A 218 2.97 6.40 -8.10
CA MET A 218 2.12 5.38 -8.68
CA MET A 218 2.18 5.32 -8.70
C MET A 218 1.80 5.81 -10.11
C MET A 218 1.72 5.74 -10.08
N TYR A 219 2.08 4.93 -11.07
CA TYR A 219 1.69 5.18 -12.45
C TYR A 219 0.33 4.61 -12.77
N GLU A 220 -0.04 3.53 -12.08
CA GLU A 220 -1.34 2.90 -12.19
C GLU A 220 -1.70 2.34 -10.83
N LEU A 221 -3.00 2.33 -10.53
CA LEU A 221 -3.47 1.74 -9.27
C LEU A 221 -4.91 1.32 -9.43
N GLU A 222 -5.24 0.11 -8.99
CA GLU A 222 -6.63 -0.29 -8.93
C GLU A 222 -6.79 -1.39 -7.89
N TRP A 223 -8.01 -1.46 -7.40
CA TRP A 223 -8.47 -2.58 -6.59
C TRP A 223 -9.86 -3.03 -7.01
N VAL A 224 -9.96 -4.34 -7.15
CA VAL A 224 -11.12 -4.98 -7.75
C VAL A 224 -11.48 -6.26 -7.01
N ASP A 225 -12.72 -6.69 -7.25
CA ASP A 225 -13.27 -7.96 -6.80
C ASP A 225 -13.39 -8.88 -8.01
N HIS A 226 -13.25 -10.18 -7.79
CA HIS A 226 -13.59 -11.17 -8.81
C HIS A 226 -14.43 -12.21 -8.10
N HIS A 227 -15.70 -12.31 -8.47
CA HIS A 227 -16.60 -13.20 -7.75
C HIS A 227 -16.44 -14.64 -8.23
N HIS A 228 -16.34 -15.56 -7.27
CA HIS A 228 -16.00 -16.96 -7.52
C HIS A 228 -17.09 -17.67 -8.29
#